data_6NKG
#
_entry.id   6NKG
#
_cell.length_a   60.110
_cell.length_b   60.110
_cell.length_c   169.898
_cell.angle_alpha   90.00
_cell.angle_beta   90.00
_cell.angle_gamma   90.00
#
_symmetry.space_group_name_H-M   'P 41 21 2'
#
loop_
_entity.id
_entity.type
_entity.pdbx_description
1 polymer 'Lip_vut5, C4L'
2 non-polymer 1,2-ETHANEDIOL
3 non-polymer 'ACETIC ACID'
4 water water
#
_entity_poly.entity_id   1
_entity_poly.type   'polypeptide(L)'
_entity_poly.pdbx_seq_one_letter_code
;(MSE)KIVKPQPFTFKGGKKAVLLLHGFTGNTADVR(MSE)LGRYLNEKGYTCHAPQYKGHGVPPEELLSTGPEDWWKDV
(MSE)DGYEYLKSEGYEQIAACGLSLGGVFSLKLGYTVPIKGIVP(MSE)CAP(MSE)YIKSEET(MSE)YEGVLDYARN
YKKFEGKTAEQINAE(MSE)EEFKKTP(MSE)NTLKALQDLIADVREHVD(MSE)IYSPTFVVQARHDH(MSE)INTDSA
NIIYNEVETDDKQLKWYEESGHAITLDKERETLHKDVYQFLETLDWQTHHHHHH
;
_entity_poly.pdbx_strand_id   A
#
loop_
_chem_comp.id
_chem_comp.type
_chem_comp.name
_chem_comp.formula
ACY non-polymer 'ACETIC ACID' 'C2 H4 O2'
EDO non-polymer 1,2-ETHANEDIOL 'C2 H6 O2'
#
# COMPACT_ATOMS: atom_id res chain seq x y z
N VAL A 4 -7.62 -15.68 8.34
CA VAL A 4 -6.53 -16.49 8.88
C VAL A 4 -5.30 -15.62 9.16
N LYS A 5 -4.13 -16.27 9.25
CA LYS A 5 -2.94 -15.58 9.68
C LYS A 5 -2.42 -14.65 8.58
N PRO A 6 -1.91 -13.48 8.93
CA PRO A 6 -1.31 -12.59 7.91
C PRO A 6 0.20 -12.78 7.84
N GLN A 7 0.74 -12.96 6.63
CA GLN A 7 2.15 -13.23 6.47
C GLN A 7 2.61 -12.63 5.14
N PRO A 8 3.89 -12.28 5.01
CA PRO A 8 4.42 -11.93 3.70
C PRO A 8 4.28 -13.12 2.75
N PHE A 9 4.04 -12.82 1.47
CA PHE A 9 3.92 -13.89 0.49
C PHE A 9 4.80 -13.58 -0.71
N THR A 10 5.19 -14.65 -1.41
CA THR A 10 5.97 -14.56 -2.63
C THR A 10 5.42 -15.58 -3.62
N PHE A 11 4.87 -15.10 -4.72
CA PHE A 11 4.29 -15.94 -5.76
C PHE A 11 5.24 -15.96 -6.95
N LYS A 12 5.92 -17.10 -7.14
CA LYS A 12 6.94 -17.21 -8.17
C LYS A 12 6.31 -17.43 -9.54
N GLY A 13 6.75 -16.64 -10.51
CA GLY A 13 6.30 -16.80 -11.88
C GLY A 13 7.43 -16.60 -12.89
N GLY A 14 7.24 -15.65 -13.81
CA GLY A 14 8.28 -15.30 -14.76
C GLY A 14 9.20 -14.22 -14.24
N LYS A 15 9.97 -13.64 -15.16
CA LYS A 15 10.95 -12.63 -14.78
C LYS A 15 10.33 -11.27 -14.50
N LYS A 16 9.09 -11.02 -14.95
CA LYS A 16 8.42 -9.77 -14.63
C LYS A 16 8.01 -9.80 -13.16
N ALA A 17 8.59 -8.92 -12.35
CA ALA A 17 8.38 -8.91 -10.91
C ALA A 17 7.57 -7.70 -10.49
N VAL A 18 6.69 -7.90 -9.52
CA VAL A 18 5.85 -6.85 -8.96
C VAL A 18 6.00 -6.85 -7.45
N LEU A 19 6.26 -5.68 -6.88
CA LEU A 19 6.30 -5.50 -5.42
C LEU A 19 4.97 -4.91 -4.98
N LEU A 20 4.25 -5.65 -4.13
CA LEU A 20 2.92 -5.26 -3.67
C LEU A 20 3.01 -4.79 -2.22
N LEU A 21 2.46 -3.60 -1.96
CA LEU A 21 2.63 -2.92 -0.68
C LEU A 21 1.26 -2.60 -0.09
N HIS A 22 1.02 -3.07 1.13
CA HIS A 22 -0.27 -2.83 1.76
C HIS A 22 -0.30 -1.47 2.45
N GLY A 23 -1.43 -1.14 3.07
CA GLY A 23 -1.63 0.16 3.66
C GLY A 23 -1.41 0.19 5.17
N PHE A 24 -1.56 1.39 5.72
CA PHE A 24 -1.38 1.60 7.15
C PHE A 24 -2.48 0.88 7.93
N THR A 25 -2.08 0.16 8.98
CA THR A 25 -2.94 -0.73 9.76
C THR A 25 -3.55 -1.84 8.91
N GLY A 26 -2.94 -2.14 7.76
CA GLY A 26 -3.36 -3.24 6.92
C GLY A 26 -2.40 -4.41 7.01
N ASN A 27 -2.52 -5.33 6.05
CA ASN A 27 -1.64 -6.48 5.97
C ASN A 27 -1.65 -6.99 4.54
N THR A 28 -0.84 -8.02 4.28
CA THR A 28 -0.66 -8.52 2.93
C THR A 28 -1.95 -9.08 2.33
N ALA A 29 -2.94 -9.40 3.16
CA ALA A 29 -4.23 -9.85 2.63
C ALA A 29 -4.90 -8.77 1.80
N ASP A 30 -4.54 -7.50 2.00
CA ASP A 30 -5.10 -6.42 1.21
C ASP A 30 -4.62 -6.45 -0.24
N VAL A 31 -3.55 -7.17 -0.54
CA VAL A 31 -2.99 -7.20 -1.89
C VAL A 31 -2.80 -8.64 -2.36
N ARG A 32 -3.37 -9.59 -1.62
CA ARG A 32 -3.12 -11.00 -1.94
C ARG A 32 -3.89 -11.44 -3.18
N MSE A 33 -5.14 -11.02 -3.33
N MSE A 33 -5.14 -11.02 -3.33
CA MSE A 33 -5.93 -11.40 -4.49
CA MSE A 33 -5.94 -11.38 -4.48
C MSE A 33 -5.37 -10.78 -5.76
C MSE A 33 -5.35 -10.79 -5.76
O MSE A 33 -5.44 -11.38 -6.84
O MSE A 33 -5.37 -11.43 -6.81
CB MSE A 33 -7.39 -11.00 -4.29
CB MSE A 33 -7.39 -10.91 -4.31
CG MSE A 33 -8.11 -11.79 -3.22
CG MSE A 33 -8.11 -11.57 -3.15
SE MSE A 33 -8.13 -13.72 -3.55
SE MSE A 33 -10.03 -11.16 -3.14
CE MSE A 33 -6.59 -14.26 -2.47
CE MSE A 33 -10.55 -12.14 -4.73
N LEU A 34 -4.81 -9.58 -5.64
CA LEU A 34 -4.15 -8.95 -6.78
C LEU A 34 -2.86 -9.69 -7.12
N GLY A 35 -2.11 -10.11 -6.11
CA GLY A 35 -0.90 -10.88 -6.35
C GLY A 35 -1.20 -12.24 -6.95
N ARG A 36 -2.29 -12.87 -6.51
N ARG A 36 -2.29 -12.87 -6.51
CA ARG A 36 -2.66 -14.17 -7.08
CA ARG A 36 -2.69 -14.16 -7.06
C ARG A 36 -3.08 -14.02 -8.54
C ARG A 36 -3.08 -14.02 -8.54
N TYR A 37 -3.81 -12.94 -8.87
CA TYR A 37 -4.23 -12.72 -10.24
C TYR A 37 -3.03 -12.45 -11.15
N LEU A 38 -2.12 -11.59 -10.71
CA LEU A 38 -0.95 -11.27 -11.52
C LEU A 38 -0.04 -12.49 -11.69
N ASN A 39 0.05 -13.34 -10.66
CA ASN A 39 0.86 -14.55 -10.79
C ASN A 39 0.22 -15.55 -11.74
N GLU A 40 -1.11 -15.62 -11.76
CA GLU A 40 -1.78 -16.44 -12.76
C GLU A 40 -1.53 -15.91 -14.17
N LYS A 41 -1.15 -14.64 -14.30
CA LYS A 41 -0.79 -14.05 -15.58
C LYS A 41 0.70 -14.13 -15.87
N GLY A 42 1.49 -14.78 -15.01
CA GLY A 42 2.91 -14.99 -15.24
C GLY A 42 3.83 -14.09 -14.47
N TYR A 43 3.32 -13.17 -13.67
CA TYR A 43 4.18 -12.26 -12.91
C TYR A 43 4.66 -12.91 -11.62
N THR A 44 5.88 -12.57 -11.23
CA THR A 44 6.40 -12.88 -9.90
C THR A 44 6.01 -11.77 -8.95
N CYS A 45 5.34 -12.11 -7.86
CA CYS A 45 4.81 -11.14 -6.92
C CYS A 45 5.40 -11.37 -5.54
N HIS A 46 5.81 -10.29 -4.89
CA HIS A 46 6.30 -10.33 -3.52
C HIS A 46 5.65 -9.19 -2.74
N ALA A 47 5.08 -9.52 -1.60
CA ALA A 47 4.44 -8.52 -0.72
C ALA A 47 5.05 -8.62 0.66
N PRO A 48 5.85 -7.65 1.09
CA PRO A 48 6.32 -7.63 2.47
C PRO A 48 5.20 -7.18 3.40
N GLN A 49 5.41 -7.45 4.69
CA GLN A 49 4.50 -7.02 5.74
C GLN A 49 5.23 -6.04 6.64
N TYR A 50 4.65 -4.84 6.79
CA TYR A 50 5.33 -3.79 7.54
C TYR A 50 5.51 -4.20 9.00
N LYS A 51 6.59 -3.71 9.60
CA LYS A 51 6.79 -3.89 11.03
C LYS A 51 5.61 -3.32 11.80
N GLY A 52 5.16 -4.05 12.81
CA GLY A 52 4.01 -3.65 13.59
C GLY A 52 2.66 -4.02 13.00
N HIS A 53 2.64 -4.56 11.79
CA HIS A 53 1.40 -4.98 11.14
C HIS A 53 1.31 -6.50 11.14
N GLY A 54 0.08 -7.01 11.20
CA GLY A 54 -0.12 -8.43 11.35
C GLY A 54 0.23 -8.98 12.72
N VAL A 55 0.37 -8.10 13.71
CA VAL A 55 0.72 -8.47 15.08
C VAL A 55 -0.20 -7.70 16.01
N PRO A 56 -0.23 -7.98 17.31
CA PRO A 56 -1.07 -7.20 18.23
C PRO A 56 -0.83 -5.70 18.07
N PRO A 57 -1.87 -4.89 18.24
CA PRO A 57 -1.73 -3.44 17.99
C PRO A 57 -0.79 -2.73 18.95
N GLU A 58 -0.50 -3.32 20.12
CA GLU A 58 0.49 -2.72 21.00
C GLU A 58 1.86 -2.65 20.32
N GLU A 59 2.16 -3.60 19.44
CA GLU A 59 3.42 -3.55 18.71
C GLU A 59 3.40 -2.50 17.61
N LEU A 60 2.21 -2.15 17.10
CA LEU A 60 2.12 -1.10 16.08
C LEU A 60 2.52 0.26 16.64
N LEU A 61 2.18 0.52 17.91
CA LEU A 61 2.44 1.83 18.50
C LEU A 61 3.94 2.15 18.53
N SER A 62 4.79 1.13 18.59
CA SER A 62 6.23 1.33 18.66
C SER A 62 6.90 1.44 17.31
N THR A 63 6.16 1.37 16.21
CA THR A 63 6.72 1.45 14.87
C THR A 63 6.31 2.76 14.20
N GLY A 64 7.06 3.11 13.15
CA GLY A 64 6.80 4.32 12.40
C GLY A 64 7.20 4.18 10.95
N PRO A 65 7.08 5.27 10.19
CA PRO A 65 7.41 5.21 8.76
C PRO A 65 8.83 4.75 8.47
N GLU A 66 9.79 5.08 9.35
CA GLU A 66 11.17 4.65 9.13
C GLU A 66 11.28 3.13 9.18
N ASP A 67 10.47 2.47 10.01
CA ASP A 67 10.45 1.01 10.02
C ASP A 67 9.76 0.46 8.78
N TRP A 68 8.59 1.01 8.44
CA TRP A 68 7.82 0.50 7.31
C TRP A 68 8.58 0.70 6.00
N TRP A 69 9.27 1.83 5.85
CA TRP A 69 10.05 2.07 4.64
C TRP A 69 11.19 1.07 4.52
N LYS A 70 11.79 0.68 5.65
CA LYS A 70 12.82 -0.35 5.61
C LYS A 70 12.25 -1.68 5.12
N ASP A 71 11.02 -2.00 5.52
CA ASP A 71 10.37 -3.21 5.02
C ASP A 71 10.10 -3.11 3.53
N VAL A 72 9.80 -1.91 3.02
CA VAL A 72 9.58 -1.75 1.59
C VAL A 72 10.89 -1.95 0.83
N MSE A 73 11.96 -1.33 1.30
CA MSE A 73 13.27 -1.46 0.66
C MSE A 73 13.80 -2.89 0.75
O MSE A 73 14.40 -3.40 -0.20
CB MSE A 73 14.28 -0.49 1.28
CG MSE A 73 14.11 0.95 0.81
SE MSE A 73 14.24 1.15 -1.12
CE MSE A 73 15.96 0.26 -1.40
N ASP A 74 13.58 -3.53 1.90
CA ASP A 74 13.97 -4.94 2.04
C ASP A 74 13.23 -5.82 1.04
N GLY A 75 11.96 -5.53 0.79
CA GLY A 75 11.22 -6.27 -0.21
C GLY A 75 11.76 -6.05 -1.62
N TYR A 76 12.11 -4.80 -1.94
CA TYR A 76 12.71 -4.49 -3.23
C TYR A 76 14.05 -5.21 -3.38
N GLU A 77 14.89 -5.15 -2.35
CA GLU A 77 16.20 -5.80 -2.42
C GLU A 77 16.08 -7.32 -2.45
N TYR A 78 15.05 -7.87 -1.80
CA TYR A 78 14.85 -9.32 -1.86
C TYR A 78 14.58 -9.78 -3.28
N LEU A 79 13.75 -9.04 -4.02
CA LEU A 79 13.49 -9.38 -5.42
C LEU A 79 14.76 -9.24 -6.25
N LYS A 80 15.56 -8.21 -5.98
CA LYS A 80 16.82 -8.04 -6.70
C LYS A 80 17.79 -9.18 -6.37
N SER A 81 17.93 -9.50 -5.08
CA SER A 81 18.85 -10.56 -4.68
C SER A 81 18.43 -11.93 -5.18
N GLU A 82 17.15 -12.11 -5.51
CA GLU A 82 16.66 -13.38 -6.01
C GLU A 82 16.75 -13.49 -7.53
N GLY A 83 17.25 -12.46 -8.21
CA GLY A 83 17.41 -12.48 -9.64
C GLY A 83 16.43 -11.67 -10.45
N TYR A 84 15.56 -10.89 -9.80
CA TYR A 84 14.52 -10.11 -10.48
C TYR A 84 14.95 -8.65 -10.48
N GLU A 85 15.66 -8.24 -11.52
CA GLU A 85 16.17 -6.88 -11.63
C GLU A 85 15.12 -5.88 -12.11
N GLN A 86 14.05 -6.36 -12.75
CA GLN A 86 12.99 -5.50 -13.29
C GLN A 86 11.77 -5.64 -12.38
N ILE A 87 11.43 -4.56 -11.69
CA ILE A 87 10.39 -4.58 -10.65
C ILE A 87 9.43 -3.43 -10.88
N ALA A 88 8.14 -3.71 -10.83
CA ALA A 88 7.10 -2.71 -10.75
C ALA A 88 6.56 -2.65 -9.33
N ALA A 89 6.03 -1.49 -8.95
CA ALA A 89 5.54 -1.26 -7.60
C ALA A 89 4.07 -0.92 -7.63
N CYS A 90 3.27 -1.69 -6.89
N CYS A 90 3.26 -1.70 -6.91
CA CYS A 90 1.84 -1.45 -6.75
CA CYS A 90 1.83 -1.45 -6.75
C CYS A 90 1.48 -1.45 -5.28
C CYS A 90 1.51 -1.43 -5.27
N GLY A 91 0.76 -0.44 -4.83
CA GLY A 91 0.47 -0.29 -3.42
C GLY A 91 -0.90 0.30 -3.15
N LEU A 92 -1.47 -0.07 -2.00
CA LEU A 92 -2.77 0.41 -1.56
C LEU A 92 -2.58 1.46 -0.48
N SER A 93 -3.16 2.64 -0.69
CA SER A 93 -3.13 3.73 0.28
C SER A 93 -1.70 4.13 0.63
N LEU A 94 -1.27 3.85 1.87
CA LEU A 94 0.10 4.12 2.25
C LEU A 94 1.09 3.33 1.40
N GLY A 95 0.71 2.13 0.98
CA GLY A 95 1.54 1.38 0.05
C GLY A 95 1.70 2.10 -1.28
N GLY A 96 0.67 2.81 -1.73
CA GLY A 96 0.80 3.61 -2.93
C GLY A 96 1.74 4.78 -2.75
N VAL A 97 1.74 5.37 -1.55
CA VAL A 97 2.71 6.42 -1.25
C VAL A 97 4.13 5.86 -1.32
N PHE A 98 4.34 4.68 -0.73
CA PHE A 98 5.65 4.04 -0.80
C PHE A 98 6.01 3.66 -2.24
N SER A 99 5.01 3.33 -3.06
CA SER A 99 5.28 3.04 -4.46
C SER A 99 5.78 4.27 -5.19
N LEU A 100 5.15 5.42 -4.95
CA LEU A 100 5.63 6.67 -5.54
C LEU A 100 7.03 7.00 -5.06
N LYS A 101 7.31 6.78 -3.78
CA LYS A 101 8.63 7.08 -3.24
C LYS A 101 9.69 6.22 -3.89
N LEU A 102 9.39 4.94 -4.14
CA LEU A 102 10.31 4.09 -4.88
C LEU A 102 10.53 4.61 -6.29
N GLY A 103 9.52 5.25 -6.88
CA GLY A 103 9.62 5.70 -8.26
C GLY A 103 10.74 6.67 -8.51
N TYR A 104 11.05 7.53 -7.53
CA TYR A 104 12.15 8.48 -7.66
C TYR A 104 13.35 8.13 -6.80
N THR A 105 13.41 6.91 -6.27
CA THR A 105 14.51 6.48 -5.42
C THR A 105 15.31 5.33 -6.02
N VAL A 106 14.64 4.34 -6.60
CA VAL A 106 15.31 3.18 -7.19
C VAL A 106 14.71 2.92 -8.57
N PRO A 107 15.43 2.17 -9.41
CA PRO A 107 14.88 1.84 -10.74
C PRO A 107 13.60 1.01 -10.63
N ILE A 108 12.52 1.56 -11.19
CA ILE A 108 11.20 0.93 -11.15
C ILE A 108 10.63 0.95 -12.57
N LYS A 109 10.14 -0.21 -13.03
CA LYS A 109 9.58 -0.30 -14.37
C LYS A 109 8.26 0.47 -14.49
N GLY A 110 7.47 0.49 -13.43
CA GLY A 110 6.19 1.19 -13.43
C GLY A 110 5.58 1.19 -12.05
N ILE A 111 4.75 2.19 -11.73
CA ILE A 111 4.16 2.32 -10.41
C ILE A 111 2.64 2.39 -10.55
N VAL A 112 1.95 1.73 -9.61
CA VAL A 112 0.49 1.75 -9.59
C VAL A 112 0.05 2.14 -8.17
N PRO A 113 -0.03 3.44 -7.86
CA PRO A 113 -0.55 3.86 -6.56
C PRO A 113 -2.07 3.76 -6.55
N MSE A 114 -2.60 2.99 -5.60
CA MSE A 114 -4.04 2.79 -5.50
C MSE A 114 -4.61 3.49 -4.27
O MSE A 114 -4.36 3.06 -3.14
CB MSE A 114 -4.36 1.29 -5.46
CG MSE A 114 -3.78 0.52 -6.63
SE MSE A 114 -4.18 -1.39 -6.55
CE MSE A 114 -3.30 -1.78 -4.84
N CYS A 115 -5.35 4.56 -4.52
CA CYS A 115 -5.97 5.36 -3.46
C CYS A 115 -4.91 5.90 -2.50
N ALA A 116 -3.83 6.41 -3.07
CA ALA A 116 -2.72 6.95 -2.28
C ALA A 116 -3.03 8.36 -1.82
N PRO A 117 -2.95 8.65 -0.52
CA PRO A 117 -3.25 10.01 -0.04
C PRO A 117 -2.09 10.96 -0.31
N MSE A 118 -2.41 12.13 -0.83
CA MSE A 118 -1.42 13.19 -1.04
C MSE A 118 -1.70 14.35 -0.09
O MSE A 118 -0.93 15.30 0.00
CB MSE A 118 -1.42 13.67 -2.49
CG MSE A 118 -0.91 12.66 -3.50
SE MSE A 118 1.04 12.50 -3.53
CE MSE A 118 1.25 10.98 -2.32
N TYR A 119 -2.84 14.28 0.60
CA TYR A 119 -3.22 15.23 1.62
C TYR A 119 -3.07 14.60 3.00
N ILE A 120 -2.57 15.36 3.95
CA ILE A 120 -2.37 14.86 5.30
C ILE A 120 -3.68 14.94 6.07
N LYS A 121 -3.84 14.06 7.05
CA LYS A 121 -4.94 14.12 8.00
C LYS A 121 -4.39 14.40 9.39
N SER A 122 -5.25 14.94 10.25
CA SER A 122 -4.85 15.26 11.61
C SER A 122 -4.47 13.99 12.36
N GLU A 123 -3.62 14.17 13.39
CA GLU A 123 -3.24 13.04 14.21
C GLU A 123 -4.45 12.41 14.90
N GLU A 124 -5.39 13.24 15.33
CA GLU A 124 -6.59 12.72 15.99
C GLU A 124 -7.41 11.85 15.04
N THR A 125 -7.54 12.28 13.78
CA THR A 125 -8.28 11.49 12.81
C THR A 125 -7.59 10.16 12.53
N MSE A 126 -6.27 10.19 12.38
CA MSE A 126 -5.48 8.99 12.17
C MSE A 126 -5.54 8.06 13.38
O MSE A 126 -5.67 6.85 13.23
CB MSE A 126 -4.02 9.34 11.86
CG MSE A 126 -3.81 10.04 10.53
SE MSE A 126 -1.93 10.43 10.21
CE MSE A 126 -2.06 11.12 8.38
N TYR A 127 -5.45 8.65 14.57
CA TYR A 127 -5.45 7.85 15.79
C TYR A 127 -6.80 7.19 16.04
N GLU A 128 -7.89 7.83 15.61
CA GLU A 128 -9.20 7.19 15.72
C GLU A 128 -9.26 5.93 14.88
N GLY A 129 -8.61 5.93 13.72
CA GLY A 129 -8.53 4.72 12.92
C GLY A 129 -7.66 3.66 13.56
N VAL A 130 -6.58 4.08 14.23
CA VAL A 130 -5.76 3.14 14.97
C VAL A 130 -6.56 2.48 16.09
N LEU A 131 -7.36 3.28 16.79
CA LEU A 131 -8.18 2.73 17.88
C LEU A 131 -9.22 1.75 17.35
N ASP A 132 -9.83 2.05 16.20
CA ASP A 132 -10.78 1.12 15.61
C ASP A 132 -10.09 -0.15 15.12
N TYR A 133 -8.89 0.00 14.53
CA TYR A 133 -8.13 -1.18 14.14
C TYR A 133 -7.76 -2.03 15.35
N ALA A 134 -7.34 -1.39 16.44
CA ALA A 134 -6.96 -2.13 17.63
C ALA A 134 -8.14 -2.89 18.22
N ARG A 135 -9.31 -2.26 18.25
CA ARG A 135 -10.49 -2.92 18.79
C ARG A 135 -10.91 -4.11 17.94
N ASN A 136 -10.84 -3.96 16.62
CA ASN A 136 -11.22 -5.07 15.73
C ASN A 136 -10.21 -6.20 15.79
N TYR A 137 -8.92 -5.87 15.93
CA TYR A 137 -7.90 -6.93 16.07
C TYR A 137 -8.18 -7.80 17.29
N LYS A 138 -8.44 -7.17 18.43
CA LYS A 138 -8.76 -7.94 19.63
C LYS A 138 -10.08 -8.70 19.47
N LYS A 139 -11.02 -8.14 18.71
CA LYS A 139 -12.25 -8.87 18.40
C LYS A 139 -11.94 -10.14 17.61
N PHE A 140 -11.07 -10.03 16.61
CA PHE A 140 -10.71 -11.17 15.80
C PHE A 140 -9.81 -12.16 16.53
N GLU A 141 -9.24 -11.78 17.67
CA GLU A 141 -8.50 -12.71 18.51
C GLU A 141 -9.40 -13.64 19.31
N GLY A 142 -10.72 -13.41 19.28
CA GLY A 142 -11.65 -14.24 20.00
C GLY A 142 -11.97 -13.78 21.40
N LYS A 143 -11.54 -12.59 21.79
CA LYS A 143 -11.77 -12.10 23.14
C LYS A 143 -13.20 -11.59 23.29
N THR A 144 -13.73 -11.72 24.51
CA THR A 144 -15.08 -11.25 24.79
C THR A 144 -15.12 -9.73 24.75
N ALA A 145 -16.34 -9.19 24.67
CA ALA A 145 -16.51 -7.74 24.62
C ALA A 145 -15.99 -7.08 25.90
N GLU A 146 -16.13 -7.76 27.04
N GLU A 146 -16.13 -7.75 27.04
CA GLU A 146 -15.65 -7.18 28.30
CA GLU A 146 -15.65 -7.18 28.30
C GLU A 146 -14.12 -7.17 28.33
C GLU A 146 -14.12 -7.16 28.33
N GLN A 147 -13.48 -8.22 27.82
CA GLN A 147 -12.02 -8.25 27.79
C GLN A 147 -11.48 -7.20 26.82
N ILE A 148 -12.19 -6.96 25.71
CA ILE A 148 -11.75 -5.94 24.76
C ILE A 148 -11.85 -4.55 25.38
N ASN A 149 -12.95 -4.27 26.08
CA ASN A 149 -13.11 -2.96 26.72
C ASN A 149 -12.02 -2.72 27.75
N ALA A 150 -11.63 -3.76 28.50
CA ALA A 150 -10.59 -3.60 29.50
C ALA A 150 -9.24 -3.34 28.86
N GLU A 151 -8.92 -4.04 27.77
CA GLU A 151 -7.64 -3.84 27.11
C GLU A 151 -7.60 -2.51 26.37
N MSE A 152 -8.72 -2.06 25.81
CA MSE A 152 -8.77 -0.79 25.10
C MSE A 152 -8.60 0.38 26.05
O MSE A 152 -8.09 1.44 25.67
CB MSE A 152 -10.07 -0.66 24.31
CG MSE A 152 -10.15 -1.55 23.09
SE MSE A 152 -8.62 -1.30 21.91
CE MSE A 152 -8.83 0.59 21.52
N GLU A 153 -9.03 0.20 27.31
CA GLU A 153 -8.88 1.25 28.30
C GLU A 153 -7.40 1.52 28.58
N GLU A 154 -6.59 0.47 28.65
CA GLU A 154 -5.15 0.67 28.77
C GLU A 154 -4.52 1.10 27.45
N PHE A 155 -5.08 0.63 26.32
CA PHE A 155 -4.54 0.99 25.02
C PHE A 155 -4.65 2.49 24.77
N LYS A 156 -5.77 3.10 25.18
CA LYS A 156 -5.99 4.53 24.97
C LYS A 156 -4.98 5.38 25.72
N LYS A 157 -4.32 4.85 26.74
CA LYS A 157 -3.32 5.60 27.49
C LYS A 157 -1.96 5.63 26.80
N THR A 158 -1.81 4.95 25.66
CA THR A 158 -0.54 4.85 24.95
C THR A 158 -0.69 5.48 23.57
N PRO A 159 -0.49 6.79 23.46
CA PRO A 159 -0.59 7.44 22.15
C PRO A 159 0.48 6.94 21.19
N MSE A 160 0.17 7.01 19.89
CA MSE A 160 1.13 6.61 18.87
C MSE A 160 1.96 7.82 18.43
O MSE A 160 1.50 8.66 17.68
CB MSE A 160 0.41 5.99 17.67
CG MSE A 160 1.34 5.41 16.63
SE MSE A 160 0.45 4.17 15.41
CE MSE A 160 1.97 3.75 14.27
N ASN A 161 3.20 7.87 18.92
CA ASN A 161 4.06 9.03 18.77
C ASN A 161 4.69 9.15 17.39
N THR A 162 4.41 8.21 16.48
CA THR A 162 4.97 8.25 15.13
C THR A 162 3.99 8.76 14.09
N LEU A 163 2.81 9.22 14.50
CA LEU A 163 1.82 9.69 13.54
C LEU A 163 2.25 11.00 12.88
N LYS A 164 2.94 11.87 13.61
CA LYS A 164 3.48 13.08 13.00
C LYS A 164 4.49 12.74 11.90
N ALA A 165 5.31 11.72 12.13
CA ALA A 165 6.24 11.28 11.08
C ALA A 165 5.50 10.73 9.87
N LEU A 166 4.34 10.10 10.09
CA LEU A 166 3.54 9.63 8.97
C LEU A 166 2.99 10.79 8.15
N GLN A 167 2.63 11.89 8.82
CA GLN A 167 2.22 13.09 8.11
C GLN A 167 3.37 13.65 7.27
N ASP A 168 4.57 13.73 7.88
CA ASP A 168 5.73 14.25 7.17
C ASP A 168 6.08 13.39 5.96
N LEU A 169 5.86 12.08 6.06
CA LEU A 169 6.15 11.20 4.92
C LEU A 169 5.26 11.50 3.74
N ILE A 170 3.95 11.66 3.98
CA ILE A 170 3.02 11.94 2.90
C ILE A 170 3.32 13.31 2.28
N ALA A 171 3.66 14.29 3.11
CA ALA A 171 3.98 15.62 2.59
C ALA A 171 5.30 15.61 1.82
N ASP A 172 6.27 14.79 2.24
CA ASP A 172 7.55 14.76 1.57
C ASP A 172 7.46 14.10 0.20
N VAL A 173 6.66 13.04 0.08
CA VAL A 173 6.50 12.36 -1.20
C VAL A 173 5.77 13.26 -2.18
N ARG A 174 4.77 14.01 -1.70
CA ARG A 174 4.02 14.90 -2.57
C ARG A 174 4.90 15.99 -3.18
N GLU A 175 5.95 16.41 -2.45
CA GLU A 175 6.87 17.40 -2.97
C GLU A 175 7.88 16.82 -3.96
N HIS A 176 7.94 15.50 -4.09
CA HIS A 176 8.88 14.86 -5.01
C HIS A 176 8.17 14.09 -6.12
N VAL A 177 6.86 14.25 -6.26
CA VAL A 177 6.13 13.56 -7.33
C VAL A 177 6.67 13.96 -8.69
N ASP A 178 7.07 15.22 -8.86
CA ASP A 178 7.67 15.68 -10.11
C ASP A 178 9.07 15.07 -10.40
N MSE A 179 9.56 14.14 -9.59
N MSE A 179 9.57 14.16 -9.58
CA MSE A 179 10.85 13.51 -9.87
CA MSE A 179 10.85 13.51 -9.85
C MSE A 179 10.64 12.07 -10.34
C MSE A 179 10.65 12.12 -10.47
O MSE A 179 11.60 11.32 -10.49
O MSE A 179 11.60 11.44 -10.83
CB MSE A 179 11.73 13.55 -8.62
CB MSE A 179 11.68 13.37 -8.57
CG MSE A 179 11.93 14.96 -8.06
CG MSE A 179 12.73 14.46 -8.37
SE MSE A 179 13.44 15.95 -8.82
SE MSE A 179 13.88 14.09 -6.84
CE MSE A 179 12.72 16.36 -10.59
CE MSE A 179 14.71 12.43 -7.45
N ILE A 180 9.39 11.71 -10.56
CA ILE A 180 9.04 10.38 -11.05
C ILE A 180 8.94 10.44 -12.57
N TYR A 181 9.78 9.67 -13.24
CA TYR A 181 9.74 9.54 -14.70
C TYR A 181 9.25 8.18 -15.17
N SER A 182 9.01 7.25 -14.24
CA SER A 182 8.52 5.93 -14.58
C SER A 182 7.03 5.98 -14.93
N PRO A 183 6.56 5.07 -15.77
CA PRO A 183 5.12 5.01 -16.07
C PRO A 183 4.29 4.85 -14.80
N THR A 184 3.19 5.60 -14.73
CA THR A 184 2.38 5.68 -13.52
C THR A 184 0.92 5.46 -13.88
N PHE A 185 0.29 4.48 -13.23
CA PHE A 185 -1.13 4.20 -13.37
C PHE A 185 -1.80 4.57 -12.05
N VAL A 186 -2.43 5.73 -12.02
CA VAL A 186 -3.10 6.21 -10.81
C VAL A 186 -4.48 5.56 -10.71
N VAL A 187 -4.68 4.77 -9.66
CA VAL A 187 -5.96 4.13 -9.37
C VAL A 187 -6.60 4.85 -8.20
N GLN A 188 -7.86 5.26 -8.36
CA GLN A 188 -8.55 6.00 -7.32
C GLN A 188 -10.03 5.67 -7.34
N ALA A 189 -10.55 5.24 -6.20
CA ALA A 189 -12.00 5.08 -6.04
C ALA A 189 -12.66 6.44 -5.88
N ARG A 190 -13.76 6.64 -6.59
CA ARG A 190 -14.43 7.93 -6.56
C ARG A 190 -15.11 8.19 -5.22
N HIS A 191 -15.66 7.15 -4.60
CA HIS A 191 -16.37 7.29 -3.34
C HIS A 191 -15.48 6.86 -2.17
N ASP A 192 -14.33 7.51 -2.08
CA ASP A 192 -13.36 7.24 -1.02
C ASP A 192 -13.63 8.20 0.13
N HIS A 193 -14.16 7.67 1.23
CA HIS A 193 -14.43 8.45 2.43
C HIS A 193 -13.26 8.44 3.42
N MSE A 194 -12.09 7.99 2.99
CA MSE A 194 -10.95 7.88 3.90
C MSE A 194 -9.86 8.92 3.59
O MSE A 194 -9.15 9.36 4.50
CB MSE A 194 -10.33 6.48 3.81
CG MSE A 194 -11.16 5.40 4.49
SE MSE A 194 -11.15 5.58 6.43
CE MSE A 194 -9.22 5.40 6.73
N ILE A 195 -9.75 9.32 2.33
CA ILE A 195 -8.75 10.28 1.90
C ILE A 195 -9.42 11.37 1.08
N ASN A 196 -8.64 12.38 0.71
CA ASN A 196 -9.07 13.42 -0.23
C ASN A 196 -8.80 12.90 -1.63
N THR A 197 -9.87 12.63 -2.39
CA THR A 197 -9.73 12.02 -3.71
C THR A 197 -9.01 12.92 -4.70
N ASP A 198 -8.82 14.21 -4.39
CA ASP A 198 -8.01 15.07 -5.24
C ASP A 198 -6.54 14.65 -5.27
N SER A 199 -6.13 13.74 -4.38
CA SER A 199 -4.78 13.20 -4.42
C SER A 199 -4.47 12.56 -5.77
N ALA A 200 -5.48 11.92 -6.39
CA ALA A 200 -5.27 11.28 -7.68
C ALA A 200 -4.92 12.32 -8.76
N ASN A 201 -5.57 13.49 -8.71
CA ASN A 201 -5.26 14.53 -9.66
C ASN A 201 -3.86 15.08 -9.45
N ILE A 202 -3.44 15.20 -8.18
CA ILE A 202 -2.10 15.70 -7.90
C ILE A 202 -1.04 14.77 -8.48
N ILE A 203 -1.23 13.45 -8.30
CA ILE A 203 -0.24 12.49 -8.80
C ILE A 203 -0.19 12.53 -10.32
N TYR A 204 -1.36 12.52 -10.97
CA TYR A 204 -1.39 12.49 -12.43
C TYR A 204 -0.85 13.77 -13.03
N ASN A 205 -1.22 14.92 -12.47
CA ASN A 205 -0.85 16.19 -13.08
C ASN A 205 0.64 16.50 -12.88
N GLU A 206 1.20 16.12 -11.73
CA GLU A 206 2.54 16.54 -11.37
C GLU A 206 3.61 15.50 -11.66
N VAL A 207 3.24 14.25 -11.95
CA VAL A 207 4.24 13.28 -12.38
C VAL A 207 4.76 13.69 -13.75
N GLU A 208 6.06 13.49 -13.97
CA GLU A 208 6.75 13.98 -15.17
C GLU A 208 7.13 12.84 -16.09
N THR A 209 6.25 11.86 -16.25
CA THR A 209 6.48 10.74 -17.15
C THR A 209 5.64 10.91 -18.41
N ASP A 210 6.12 10.30 -19.50
CA ASP A 210 5.37 10.36 -20.76
C ASP A 210 4.16 9.45 -20.72
N ASP A 211 4.22 8.36 -19.95
CA ASP A 211 3.15 7.37 -19.87
C ASP A 211 2.52 7.45 -18.48
N LYS A 212 1.63 8.42 -18.30
CA LYS A 212 0.87 8.58 -17.06
C LYS A 212 -0.61 8.32 -17.33
N GLN A 213 -1.24 7.56 -16.44
CA GLN A 213 -2.61 7.13 -16.62
C GLN A 213 -3.40 7.33 -15.33
N LEU A 214 -4.69 7.61 -15.48
CA LEU A 214 -5.59 7.81 -14.35
C LEU A 214 -6.94 7.19 -14.67
N LYS A 215 -7.43 6.35 -13.76
CA LYS A 215 -8.76 5.77 -13.89
C LYS A 215 -9.49 5.89 -12.56
N TRP A 216 -10.72 6.40 -12.61
CA TRP A 216 -11.59 6.44 -11.46
C TRP A 216 -12.49 5.22 -11.44
N TYR A 217 -12.72 4.66 -10.26
CA TYR A 217 -13.59 3.51 -10.08
C TYR A 217 -14.85 3.97 -9.35
N GLU A 218 -15.99 3.93 -10.05
CA GLU A 218 -17.21 4.61 -9.61
C GLU A 218 -18.00 3.81 -8.58
N GLU A 219 -17.68 2.55 -8.35
CA GLU A 219 -18.45 1.70 -7.45
C GLU A 219 -17.63 1.16 -6.29
N SER A 220 -16.52 1.81 -5.96
CA SER A 220 -15.59 1.30 -4.96
C SER A 220 -15.36 2.32 -3.86
N GLY A 221 -15.03 1.80 -2.66
CA GLY A 221 -14.59 2.62 -1.56
C GLY A 221 -13.08 2.63 -1.45
N HIS A 222 -12.58 3.03 -0.28
CA HIS A 222 -11.14 3.16 -0.09
C HIS A 222 -10.44 1.81 -0.24
N ALA A 223 -10.99 0.77 0.38
CA ALA A 223 -10.45 -0.59 0.26
C ALA A 223 -10.86 -1.16 -1.10
N ILE A 224 -10.22 -0.64 -2.15
CA ILE A 224 -10.63 -0.95 -3.52
C ILE A 224 -10.27 -2.38 -3.89
N THR A 225 -9.20 -2.93 -3.31
CA THR A 225 -8.81 -4.30 -3.62
C THR A 225 -9.75 -5.33 -3.00
N LEU A 226 -10.62 -4.92 -2.07
CA LEU A 226 -11.58 -5.81 -1.45
C LEU A 226 -13.01 -5.50 -1.84
N ASP A 227 -13.24 -4.43 -2.61
CA ASP A 227 -14.58 -4.00 -2.94
C ASP A 227 -15.07 -4.75 -4.18
N LYS A 228 -16.19 -4.30 -4.76
CA LYS A 228 -16.90 -5.08 -5.77
C LYS A 228 -16.24 -5.04 -7.14
N GLU A 229 -15.44 -4.02 -7.44
CA GLU A 229 -14.83 -3.88 -8.77
C GLU A 229 -13.44 -4.48 -8.85
N ARG A 230 -13.06 -5.33 -7.90
CA ARG A 230 -11.66 -5.76 -7.82
C ARG A 230 -11.24 -6.60 -9.02
N GLU A 231 -12.17 -7.35 -9.62
CA GLU A 231 -11.82 -8.14 -10.80
C GLU A 231 -11.51 -7.23 -11.98
N THR A 232 -12.24 -6.12 -12.12
CA THR A 232 -11.89 -5.13 -13.13
C THR A 232 -10.58 -4.44 -12.81
N LEU A 233 -10.35 -4.17 -11.52
CA LEU A 233 -9.07 -3.60 -11.10
C LEU A 233 -7.91 -4.53 -11.45
N HIS A 234 -8.07 -5.83 -11.19
CA HIS A 234 -7.02 -6.79 -11.51
C HIS A 234 -6.67 -6.73 -12.99
N LYS A 235 -7.68 -6.69 -13.86
CA LYS A 235 -7.42 -6.68 -15.29
C LYS A 235 -6.79 -5.37 -15.74
N ASP A 236 -7.25 -4.25 -15.19
CA ASP A 236 -6.67 -2.95 -15.54
C ASP A 236 -5.22 -2.84 -15.11
N VAL A 237 -4.90 -3.37 -13.92
CA VAL A 237 -3.50 -3.34 -13.46
C VAL A 237 -2.65 -4.27 -14.32
N TYR A 238 -3.16 -5.46 -14.62
CA TYR A 238 -2.43 -6.40 -15.46
C TYR A 238 -2.16 -5.81 -16.84
N GLN A 239 -3.19 -5.22 -17.46
CA GLN A 239 -3.03 -4.70 -18.81
C GLN A 239 -2.11 -3.48 -18.84
N PHE A 240 -2.03 -2.72 -17.75
CA PHE A 240 -1.06 -1.64 -17.68
C PHE A 240 0.36 -2.17 -17.53
N LEU A 241 0.55 -3.18 -16.67
CA LEU A 241 1.88 -3.76 -16.49
C LEU A 241 2.42 -4.36 -17.77
N GLU A 242 1.54 -4.86 -18.64
CA GLU A 242 1.98 -5.46 -19.90
C GLU A 242 2.58 -4.44 -20.86
N THR A 243 2.25 -3.16 -20.71
CA THR A 243 2.79 -2.13 -21.57
C THR A 243 4.19 -1.68 -21.16
N LEU A 244 4.70 -2.16 -20.03
CA LEU A 244 5.99 -1.69 -19.53
C LEU A 244 7.14 -2.29 -20.33
N ASP A 245 8.28 -1.62 -20.27
CA ASP A 245 9.47 -1.99 -21.03
C ASP A 245 10.20 -3.11 -20.29
N TRP A 246 9.69 -4.33 -20.44
CA TRP A 246 10.31 -5.47 -19.78
C TRP A 246 11.53 -5.94 -20.56
N GLN A 247 12.20 -6.97 -20.03
N GLN A 247 12.20 -6.98 -20.04
CA GLN A 247 13.41 -7.55 -20.60
CA GLN A 247 13.40 -7.55 -20.61
C GLN A 247 14.54 -6.53 -20.70
C GLN A 247 14.54 -6.54 -20.70
N THR A 248 14.31 -5.43 -21.40
CA THR A 248 15.30 -4.36 -21.49
C THR A 248 14.64 -3.03 -21.86
C1 EDO B . 10.99 -9.90 2.78
O1 EDO B . 11.11 -8.61 2.18
C2 EDO B . 9.55 -10.12 3.20
O2 EDO B . 9.41 -11.42 3.81
C1 EDO C . 10.48 -7.14 5.18
O1 EDO C . 10.40 -6.78 3.79
C2 EDO C . 9.10 -7.08 5.82
O2 EDO C . 8.29 -8.17 5.38
C ACY D . -2.96 6.64 6.17
O ACY D . -2.47 6.04 5.15
OXT ACY D . -2.48 7.63 6.72
CH3 ACY D . -4.28 6.02 6.67
#